data_6UXP
#
_entry.id   6UXP
#
_cell.length_a   50.161
_cell.length_b   51.567
_cell.length_c   61.472
_cell.angle_alpha   83.860
_cell.angle_beta   86.130
_cell.angle_gamma   87.940
#
_symmetry.space_group_name_H-M   'P 1'
#
loop_
_entity.id
_entity.type
_entity.pdbx_description
1 polymer 'Bcl-2 homologous antagonist/killer'
2 non-polymer 1,2-DIOCTANOYL-SN-GLYCERO-3-[PHOSPHO-RAC-(1-GLYCEROL)
3 non-polymer GLYCEROL
4 water water
#
_entity_poly.entity_id   1
_entity_poly.type   'polypeptide(L)'
_entity_poly.pdbx_seq_one_letter_code
;GPLGSSTMGQVGRQLAIIGDDINRRYDSEFQTMLQHLQPTAENAYEYFTKIATSLFESGINWGRVVALLGFGYRLALHVY
QHGLT
;
_entity_poly.pdbx_strand_id   A,B,C,D,E,F,G,H
#
# COMPACT_ATOMS: atom_id res chain seq x y z
N SER A 5 34.07 -34.62 4.64
CA SER A 5 33.95 -35.68 5.64
C SER A 5 32.50 -36.00 5.96
N SER A 6 31.81 -35.05 6.57
CA SER A 6 30.45 -35.27 7.02
C SER A 6 29.49 -35.43 5.85
N THR A 7 28.26 -35.81 6.18
CA THR A 7 27.26 -36.08 5.15
C THR A 7 26.86 -34.80 4.41
N MET A 8 26.89 -33.67 5.10
CA MET A 8 26.46 -32.42 4.50
C MET A 8 27.22 -32.11 3.22
N GLY A 9 28.54 -32.34 3.22
CA GLY A 9 29.33 -32.09 2.03
C GLY A 9 29.03 -33.08 0.91
N GLN A 10 28.79 -34.35 1.28
CA GLN A 10 28.41 -35.34 0.29
C GLN A 10 27.06 -35.02 -0.32
N VAL A 11 26.09 -34.62 0.51
CA VAL A 11 24.76 -34.30 0.00
C VAL A 11 24.81 -33.04 -0.85
N GLY A 12 25.62 -32.06 -0.46
CA GLY A 12 25.74 -30.84 -1.24
C GLY A 12 26.28 -31.08 -2.63
N ARG A 13 27.26 -31.98 -2.75
CA ARG A 13 27.81 -32.31 -4.06
C ARG A 13 26.85 -33.15 -4.88
N GLN A 14 26.04 -33.98 -4.22
CA GLN A 14 25.01 -34.73 -4.92
C GLN A 14 23.97 -33.79 -5.51
N LEU A 15 23.64 -32.71 -4.79
CA LEU A 15 22.66 -31.74 -5.28
C LEU A 15 23.21 -30.92 -6.45
N ALA A 16 24.54 -30.76 -6.54
CA ALA A 16 25.11 -30.12 -7.71
C ALA A 16 24.85 -30.93 -8.97
N ILE A 17 24.98 -32.25 -8.87
CA ILE A 17 24.68 -33.12 -9.99
C ILE A 17 23.21 -32.97 -10.39
N ILE A 18 22.31 -32.95 -9.40
CA ILE A 18 20.90 -32.77 -9.68
C ILE A 18 20.65 -31.40 -10.30
N GLY A 19 21.23 -30.36 -9.70
CA GLY A 19 20.99 -29.02 -10.17
C GLY A 19 21.56 -28.76 -11.55
N ASP A 20 22.74 -29.31 -11.84
CA ASP A 20 23.30 -29.16 -13.18
C ASP A 20 22.53 -29.99 -14.20
N ASP A 21 21.99 -31.13 -13.80
CA ASP A 21 21.20 -31.94 -14.73
C ASP A 21 19.91 -31.22 -15.09
N ILE A 22 19.23 -30.64 -14.09
CA ILE A 22 18.04 -29.84 -14.37
C ILE A 22 18.40 -28.64 -15.23
N ASN A 23 19.51 -27.97 -14.91
CA ASN A 23 19.90 -26.78 -15.66
C ASN A 23 20.24 -27.12 -17.11
N ARG A 24 20.88 -28.26 -17.33
CA ARG A 24 21.29 -28.63 -18.68
C ARG A 24 20.13 -29.21 -19.49
N ARG A 25 19.15 -29.81 -18.81
CA ARG A 25 18.00 -30.38 -19.53
C ARG A 25 17.07 -29.30 -20.04
N TYR A 26 16.85 -28.24 -19.25
CA TYR A 26 15.70 -27.39 -19.47
C TYR A 26 16.01 -25.91 -19.69
N ASP A 27 17.28 -25.48 -19.57
CA ASP A 27 17.58 -24.07 -19.76
C ASP A 27 17.39 -23.65 -21.21
N SER A 28 17.81 -24.49 -22.16
CA SER A 28 17.55 -24.20 -23.56
C SER A 28 16.07 -24.39 -23.91
N GLU A 29 15.36 -25.23 -23.15
CA GLU A 29 13.94 -25.41 -23.39
C GLU A 29 13.12 -24.25 -22.85
N PHE A 30 13.57 -23.61 -21.78
CA PHE A 30 12.91 -22.41 -21.29
C PHE A 30 13.09 -21.25 -22.26
N GLN A 31 14.28 -21.15 -22.87
CA GLN A 31 14.55 -20.05 -23.78
C GLN A 31 13.76 -20.18 -25.08
N THR A 32 13.49 -21.41 -25.52
CA THR A 32 12.67 -21.61 -26.71
C THR A 32 11.25 -21.10 -26.49
N MET A 33 10.68 -21.39 -25.32
CA MET A 33 9.32 -20.93 -25.03
C MET A 33 9.26 -19.41 -24.87
N LEU A 34 10.36 -18.79 -24.42
CA LEU A 34 10.39 -17.34 -24.31
C LEU A 34 10.48 -16.68 -25.69
N GLN A 35 11.13 -17.32 -26.65
CA GLN A 35 11.16 -16.79 -28.01
C GLN A 35 9.75 -16.78 -28.61
N HIS A 36 8.93 -17.75 -28.24
CA HIS A 36 7.55 -17.79 -28.74
C HIS A 36 6.69 -16.74 -28.06
N LEU A 37 6.86 -16.58 -26.75
CA LEU A 37 6.08 -15.58 -26.02
C LEU A 37 6.56 -14.17 -26.36
N GLN A 38 7.87 -14.00 -26.53
CA GLN A 38 8.52 -12.69 -26.62
C GLN A 38 7.98 -11.76 -25.53
N PRO A 39 8.08 -12.15 -24.26
CA PRO A 39 7.48 -11.34 -23.20
C PRO A 39 8.17 -10.00 -23.06
N THR A 40 7.43 -9.03 -22.56
CA THR A 40 7.95 -7.70 -22.32
C THR A 40 7.61 -7.29 -20.89
N ALA A 41 8.13 -6.13 -20.49
CA ALA A 41 7.89 -5.63 -19.14
C ALA A 41 6.42 -5.32 -18.91
N GLU A 42 5.65 -5.10 -19.97
CA GLU A 42 4.24 -4.75 -19.82
C GLU A 42 3.36 -5.97 -19.66
N ASN A 43 3.75 -7.12 -20.21
CA ASN A 43 2.92 -8.31 -20.19
C ASN A 43 3.58 -9.51 -19.52
N ALA A 44 4.76 -9.34 -18.93
CA ALA A 44 5.42 -10.48 -18.28
C ALA A 44 4.60 -11.00 -17.11
N TYR A 45 3.93 -10.11 -16.37
CA TYR A 45 3.15 -10.53 -15.22
C TYR A 45 1.93 -11.33 -15.63
N GLU A 46 1.17 -10.81 -16.61
CA GLU A 46 -0.04 -11.50 -17.06
C GLU A 46 0.31 -12.84 -17.71
N TYR A 47 1.38 -12.88 -18.51
CA TYR A 47 1.82 -14.14 -19.09
C TYR A 47 2.12 -15.16 -18.01
N PHE A 48 2.82 -14.73 -16.95
CA PHE A 48 3.28 -15.67 -15.94
C PHE A 48 2.14 -16.20 -15.08
N THR A 49 1.16 -15.35 -14.75
CA THR A 49 0.07 -15.80 -13.89
C THR A 49 -0.84 -16.77 -14.62
N LYS A 50 -1.08 -16.55 -15.92
CA LYS A 50 -1.91 -17.48 -16.68
C LYS A 50 -1.15 -18.73 -17.07
N ILE A 51 0.17 -18.64 -17.23
CA ILE A 51 0.99 -19.84 -17.36
C ILE A 51 0.94 -20.65 -16.07
N ALA A 52 1.09 -19.96 -14.93
CA ALA A 52 1.06 -20.63 -13.65
C ALA A 52 -0.31 -21.26 -13.38
N THR A 53 -1.38 -20.51 -13.65
CA THR A 53 -2.72 -21.04 -13.45
C THR A 53 -2.95 -22.28 -14.30
N SER A 54 -2.54 -22.23 -15.57
CA SER A 54 -2.71 -23.37 -16.46
C SER A 54 -1.87 -24.57 -16.01
N LEU A 55 -0.77 -24.31 -15.31
CA LEU A 55 0.07 -25.40 -14.81
C LEU A 55 -0.59 -26.09 -13.62
N PHE A 56 -1.12 -25.30 -12.69
CA PHE A 56 -1.64 -25.83 -11.42
C PHE A 56 -3.04 -26.40 -11.51
N GLU A 57 -3.78 -26.11 -12.59
CA GLU A 57 -5.12 -26.69 -12.73
C GLU A 57 -5.05 -28.21 -12.94
N SER A 58 -3.91 -28.73 -13.37
CA SER A 58 -3.72 -30.16 -13.61
C SER A 58 -2.99 -30.87 -12.47
N GLY A 59 -2.75 -30.19 -11.36
CA GLY A 59 -2.04 -30.79 -10.24
C GLY A 59 -0.86 -29.96 -9.77
N ILE A 60 -0.41 -30.22 -8.55
CA ILE A 60 0.71 -29.49 -7.95
C ILE A 60 1.61 -30.50 -7.26
N ASN A 61 2.90 -30.50 -7.63
CA ASN A 61 3.93 -31.17 -6.86
C ASN A 61 5.14 -30.25 -6.79
N TRP A 62 6.13 -30.63 -5.98
CA TRP A 62 7.30 -29.78 -5.85
C TRP A 62 8.09 -29.68 -7.15
N GLY A 63 7.99 -30.70 -8.01
CA GLY A 63 8.65 -30.62 -9.30
C GLY A 63 7.99 -29.61 -10.23
N ARG A 64 6.66 -29.50 -10.16
CA ARG A 64 5.96 -28.49 -10.94
C ARG A 64 6.28 -27.08 -10.43
N VAL A 65 6.39 -26.92 -9.11
CA VAL A 65 6.67 -25.60 -8.54
C VAL A 65 8.07 -25.15 -8.93
N VAL A 66 9.06 -26.03 -8.80
CA VAL A 66 10.43 -25.62 -9.13
C VAL A 66 10.57 -25.40 -10.62
N ALA A 67 9.81 -26.13 -11.44
CA ALA A 67 9.81 -25.85 -12.88
C ALA A 67 9.29 -24.45 -13.16
N LEU A 68 8.19 -24.07 -12.48
CA LEU A 68 7.62 -22.74 -12.68
C LEU A 68 8.58 -21.65 -12.20
N LEU A 69 9.27 -21.90 -11.09
CA LEU A 69 10.25 -20.93 -10.59
C LEU A 69 11.40 -20.75 -11.57
N GLY A 70 11.91 -21.86 -12.12
CA GLY A 70 12.95 -21.76 -13.12
C GLY A 70 12.50 -20.99 -14.35
N PHE A 71 11.27 -21.26 -14.82
CA PHE A 71 10.76 -20.54 -15.98
C PHE A 71 10.53 -19.07 -15.66
N GLY A 72 10.02 -18.78 -14.46
CA GLY A 72 9.85 -17.39 -14.06
C GLY A 72 11.17 -16.65 -13.93
N TYR A 73 12.25 -17.37 -13.60
CA TYR A 73 13.56 -16.75 -13.55
C TYR A 73 14.07 -16.43 -14.95
N ARG A 74 13.90 -17.36 -15.90
CA ARG A 74 14.32 -17.10 -17.26
C ARG A 74 13.48 -16.00 -17.90
N LEU A 75 12.16 -16.04 -17.67
CA LEU A 75 11.27 -15.02 -18.22
C LEU A 75 11.68 -13.64 -17.75
N ALA A 76 11.90 -13.48 -16.45
CA ALA A 76 12.31 -12.19 -15.91
C ALA A 76 13.68 -11.79 -16.45
N LEU A 77 14.61 -12.74 -16.55
CA LEU A 77 15.92 -12.45 -17.13
C LEU A 77 15.79 -12.08 -18.61
N HIS A 78 14.89 -12.76 -19.33
CA HIS A 78 14.63 -12.43 -20.72
C HIS A 78 14.10 -11.00 -20.85
N VAL A 79 13.11 -10.65 -20.03
CA VAL A 79 12.55 -9.30 -20.09
C VAL A 79 13.62 -8.26 -19.78
N TYR A 80 14.48 -8.53 -18.80
CA TYR A 80 15.50 -7.57 -18.43
C TYR A 80 16.51 -7.35 -19.54
N GLN A 81 16.80 -8.38 -20.31
CA GLN A 81 17.82 -8.28 -21.36
C GLN A 81 17.24 -7.95 -22.73
N HIS A 82 16.02 -8.38 -23.02
CA HIS A 82 15.35 -8.08 -24.28
C HIS A 82 14.12 -7.20 -24.07
N GLY A 83 14.19 -6.28 -23.11
CA GLY A 83 13.08 -5.38 -22.84
C GLY A 83 13.50 -4.13 -22.10
N MET B 8 0.56 -19.88 -24.37
CA MET B 8 0.07 -20.00 -23.01
C MET B 8 -0.29 -21.44 -22.67
N GLY B 9 -1.24 -21.99 -23.42
CA GLY B 9 -1.72 -23.34 -23.14
C GLY B 9 -0.63 -24.38 -23.23
N GLN B 10 0.21 -24.30 -24.26
CA GLN B 10 1.30 -25.26 -24.41
C GLN B 10 2.39 -25.02 -23.37
N VAL B 11 2.69 -23.75 -23.09
CA VAL B 11 3.71 -23.44 -22.08
C VAL B 11 3.32 -24.05 -20.74
N GLY B 12 2.06 -23.88 -20.34
CA GLY B 12 1.61 -24.47 -19.10
C GLY B 12 1.60 -25.98 -19.11
N ARG B 13 1.29 -26.57 -20.27
CA ARG B 13 1.28 -28.04 -20.37
C ARG B 13 2.68 -28.61 -20.46
N GLN B 14 3.61 -27.91 -21.11
CA GLN B 14 4.99 -28.41 -21.18
C GLN B 14 5.70 -28.31 -19.84
N LEU B 15 5.40 -27.27 -19.06
CA LEU B 15 5.99 -27.17 -17.74
C LEU B 15 5.43 -28.23 -16.80
N ALA B 16 4.22 -28.72 -17.09
CA ALA B 16 3.66 -29.81 -16.30
C ALA B 16 4.40 -31.11 -16.57
N ILE B 17 4.74 -31.37 -17.84
CA ILE B 17 5.54 -32.54 -18.19
C ILE B 17 6.93 -32.43 -17.58
N ILE B 18 7.57 -31.26 -17.74
CA ILE B 18 8.88 -31.03 -17.16
C ILE B 18 8.83 -31.22 -15.64
N GLY B 19 7.87 -30.55 -14.98
CA GLY B 19 7.77 -30.65 -13.54
C GLY B 19 7.51 -32.07 -13.06
N ASP B 20 6.69 -32.82 -13.80
CA ASP B 20 6.43 -34.21 -13.43
C ASP B 20 7.67 -35.06 -13.65
N ASP B 21 8.42 -34.81 -14.72
CA ASP B 21 9.65 -35.54 -14.96
C ASP B 21 10.67 -35.25 -13.86
N ILE B 22 10.83 -33.97 -13.51
CA ILE B 22 11.71 -33.59 -12.41
C ILE B 22 11.28 -34.29 -11.13
N ASN B 23 9.98 -34.24 -10.83
CA ASN B 23 9.46 -34.89 -9.63
C ASN B 23 9.70 -36.40 -9.66
N ARG B 24 9.50 -37.01 -10.83
CA ARG B 24 9.71 -38.45 -10.97
C ARG B 24 11.20 -38.81 -10.94
N ARG B 25 12.06 -37.94 -11.49
CA ARG B 25 13.46 -38.28 -11.67
C ARG B 25 14.28 -38.17 -10.40
N TYR B 26 13.89 -37.34 -9.44
CA TYR B 26 14.76 -37.02 -8.31
C TYR B 26 14.13 -37.24 -6.93
N ASP B 27 12.82 -37.50 -6.84
CA ASP B 27 12.17 -37.59 -5.54
C ASP B 27 12.79 -38.68 -4.67
N SER B 28 13.06 -39.86 -5.26
CA SER B 28 13.68 -40.92 -4.49
C SER B 28 15.12 -40.60 -4.13
N GLU B 29 15.79 -39.78 -4.93
CA GLU B 29 17.14 -39.35 -4.58
C GLU B 29 17.13 -38.40 -3.39
N PHE B 30 16.07 -37.59 -3.25
CA PHE B 30 15.93 -36.76 -2.06
C PHE B 30 15.63 -37.59 -0.82
N GLN B 31 14.77 -38.61 -0.97
CA GLN B 31 14.47 -39.48 0.15
C GLN B 31 15.72 -40.21 0.64
N THR B 32 16.56 -40.67 -0.30
CA THR B 32 17.81 -41.33 0.08
C THR B 32 18.72 -40.38 0.85
N MET B 33 18.79 -39.11 0.43
CA MET B 33 19.62 -38.14 1.14
C MET B 33 19.11 -37.90 2.55
N LEU B 34 17.79 -37.83 2.71
CA LEU B 34 17.22 -37.62 4.03
C LEU B 34 17.48 -38.80 4.97
N GLN B 35 17.49 -40.02 4.44
CA GLN B 35 17.71 -41.17 5.30
C GLN B 35 19.16 -41.28 5.75
N HIS B 36 20.09 -40.74 4.95
CA HIS B 36 21.48 -40.70 5.38
C HIS B 36 21.74 -39.56 6.35
N LEU B 37 20.96 -38.48 6.26
CA LEU B 37 21.11 -37.37 7.19
C LEU B 37 20.40 -37.61 8.52
N GLN B 38 19.39 -38.47 8.53
CA GLN B 38 18.50 -38.70 9.68
C GLN B 38 18.21 -37.38 10.41
N PRO B 39 17.66 -36.39 9.73
CA PRO B 39 17.51 -35.07 10.34
C PRO B 39 16.37 -35.05 11.34
N THR B 40 16.48 -34.12 12.28
CA THR B 40 15.44 -33.84 13.26
C THR B 40 15.22 -32.34 13.30
N ALA B 41 14.11 -31.93 13.93
CA ALA B 41 13.77 -30.52 13.97
C ALA B 41 14.89 -29.67 14.55
N GLU B 42 15.59 -30.20 15.56
CA GLU B 42 16.57 -29.41 16.29
C GLU B 42 17.71 -28.97 15.39
N ASN B 43 18.10 -29.80 14.41
CA ASN B 43 19.26 -29.51 13.58
C ASN B 43 18.94 -29.36 12.10
N ALA B 44 17.65 -29.21 11.74
CA ALA B 44 17.32 -29.02 10.32
C ALA B 44 18.01 -27.78 9.76
N TYR B 45 18.09 -26.71 10.55
CA TYR B 45 18.75 -25.50 10.07
C TYR B 45 20.22 -25.77 9.77
N GLU B 46 20.94 -26.38 10.73
CA GLU B 46 22.36 -26.62 10.54
C GLU B 46 22.62 -27.49 9.32
N TYR B 47 21.77 -28.49 9.09
CA TYR B 47 21.95 -29.36 7.94
C TYR B 47 21.69 -28.62 6.63
N PHE B 48 20.60 -27.86 6.56
CA PHE B 48 20.27 -27.13 5.35
C PHE B 48 21.34 -26.09 5.02
N THR B 49 21.76 -25.32 6.02
CA THR B 49 22.73 -24.24 5.79
C THR B 49 24.08 -24.78 5.33
N LYS B 50 24.52 -25.90 5.93
CA LYS B 50 25.81 -26.46 5.54
C LYS B 50 25.75 -27.12 4.17
N ILE B 51 24.65 -27.81 3.86
CA ILE B 51 24.48 -28.40 2.54
C ILE B 51 24.52 -27.31 1.48
N ALA B 52 23.76 -26.24 1.69
CA ALA B 52 23.74 -25.15 0.73
C ALA B 52 25.13 -24.56 0.52
N THR B 53 25.92 -24.49 1.59
CA THR B 53 27.31 -24.05 1.47
C THR B 53 28.09 -24.96 0.53
N SER B 54 27.96 -26.27 0.73
CA SER B 54 28.68 -27.23 -0.10
C SER B 54 28.22 -27.18 -1.55
N LEU B 55 26.92 -26.94 -1.76
CA LEU B 55 26.38 -26.90 -3.11
C LEU B 55 26.96 -25.73 -3.91
N PHE B 56 27.02 -24.55 -3.29
CA PHE B 56 27.45 -23.34 -3.98
C PHE B 56 28.96 -23.13 -3.93
N GLU B 57 29.71 -24.05 -3.33
CA GLU B 57 31.17 -23.96 -3.40
C GLU B 57 31.68 -24.10 -4.83
N SER B 58 30.94 -24.82 -5.67
CA SER B 58 31.34 -25.04 -7.06
C SER B 58 30.52 -24.22 -8.05
N GLY B 59 29.80 -23.20 -7.60
CA GLY B 59 29.10 -22.30 -8.49
C GLY B 59 27.61 -22.24 -8.19
N ILE B 60 26.97 -21.25 -8.82
CA ILE B 60 25.55 -21.00 -8.67
C ILE B 60 24.91 -20.97 -10.05
N ASN B 61 23.83 -21.70 -10.22
CA ASN B 61 22.93 -21.52 -11.35
C ASN B 61 21.52 -21.84 -10.86
N TRP B 62 20.52 -21.38 -11.62
CA TRP B 62 19.14 -21.55 -11.18
C TRP B 62 18.79 -23.02 -10.98
N GLY B 63 19.39 -23.91 -11.76
CA GLY B 63 19.15 -25.33 -11.59
C GLY B 63 19.59 -25.86 -10.24
N ARG B 64 20.70 -25.33 -9.71
CA ARG B 64 21.13 -25.69 -8.37
C ARG B 64 20.26 -25.06 -7.28
N VAL B 65 19.77 -23.84 -7.53
CA VAL B 65 18.94 -23.17 -6.54
C VAL B 65 17.60 -23.86 -6.40
N VAL B 66 16.99 -24.27 -7.53
CA VAL B 66 15.70 -24.94 -7.45
C VAL B 66 15.85 -26.34 -6.88
N ALA B 67 16.99 -27.00 -7.14
CA ALA B 67 17.25 -28.29 -6.50
C ALA B 67 17.36 -28.12 -4.99
N LEU B 68 18.04 -27.06 -4.55
CA LEU B 68 18.13 -26.79 -3.12
C LEU B 68 16.76 -26.58 -2.50
N LEU B 69 15.88 -25.87 -3.20
CA LEU B 69 14.55 -25.60 -2.66
C LEU B 69 13.71 -26.87 -2.61
N GLY B 70 13.76 -27.68 -3.67
CA GLY B 70 13.03 -28.93 -3.68
C GLY B 70 13.49 -29.87 -2.57
N PHE B 71 14.77 -29.81 -2.21
CA PHE B 71 15.29 -30.61 -1.12
C PHE B 71 14.91 -30.00 0.23
N GLY B 72 15.06 -28.69 0.35
CA GLY B 72 14.64 -28.01 1.56
C GLY B 72 13.18 -28.27 1.90
N TYR B 73 12.33 -28.30 0.87
CA TYR B 73 10.92 -28.63 1.09
C TYR B 73 10.75 -30.07 1.55
N ARG B 74 11.52 -31.00 0.99
CA ARG B 74 11.47 -32.38 1.44
C ARG B 74 12.01 -32.51 2.86
N LEU B 75 13.05 -31.74 3.17
CA LEU B 75 13.62 -31.74 4.52
C LEU B 75 12.62 -31.22 5.54
N ALA B 76 12.00 -30.06 5.26
CA ALA B 76 11.00 -29.52 6.16
C ALA B 76 9.82 -30.48 6.31
N LEU B 77 9.37 -31.07 5.22
CA LEU B 77 8.27 -32.04 5.29
C LEU B 77 8.65 -33.26 6.12
N HIS B 78 9.90 -33.70 6.03
CA HIS B 78 10.35 -34.84 6.80
C HIS B 78 10.45 -34.50 8.29
N VAL B 79 10.94 -33.30 8.60
CA VAL B 79 11.09 -32.88 9.99
C VAL B 79 9.73 -32.75 10.65
N TYR B 80 8.72 -32.30 9.90
CA TYR B 80 7.40 -32.06 10.47
C TYR B 80 6.74 -33.35 10.93
N GLN B 81 7.03 -34.47 10.29
CA GLN B 81 6.41 -35.74 10.68
C GLN B 81 6.87 -36.17 12.07
N HIS B 82 8.13 -35.90 12.41
CA HIS B 82 8.71 -36.38 13.65
C HIS B 82 8.37 -35.47 14.82
N SER C 6 25.77 -4.54 9.83
CA SER C 6 25.81 -3.35 8.98
C SER C 6 24.41 -2.88 8.61
N THR C 7 24.30 -2.27 7.44
CA THR C 7 23.01 -1.75 6.98
C THR C 7 22.09 -2.86 6.51
N MET C 8 22.60 -3.77 5.69
CA MET C 8 21.82 -4.94 5.28
C MET C 8 21.48 -5.81 6.48
N GLY C 9 22.41 -5.94 7.42
CA GLY C 9 22.15 -6.76 8.60
C GLY C 9 20.97 -6.27 9.42
N GLN C 10 20.84 -4.94 9.55
CA GLN C 10 19.73 -4.40 10.33
C GLN C 10 18.39 -4.62 9.64
N VAL C 11 18.37 -4.52 8.31
CA VAL C 11 17.14 -4.84 7.58
C VAL C 11 16.79 -6.30 7.75
N GLY C 12 17.76 -7.18 7.51
CA GLY C 12 17.53 -8.61 7.66
C GLY C 12 17.07 -8.99 9.07
N ARG C 13 17.54 -8.26 10.08
CA ARG C 13 17.10 -8.57 11.44
C ARG C 13 15.71 -8.04 11.73
N GLN C 14 15.30 -6.94 11.10
CA GLN C 14 13.92 -6.48 11.24
C GLN C 14 12.97 -7.32 10.41
N LEU C 15 13.42 -7.86 9.28
CA LEU C 15 12.59 -8.81 8.54
C LEU C 15 12.36 -10.06 9.37
N ALA C 16 13.32 -10.43 10.22
CA ALA C 16 13.17 -11.62 11.06
C ALA C 16 12.11 -11.40 12.13
N ILE C 17 12.05 -10.19 12.70
CA ILE C 17 11.00 -9.87 13.64
C ILE C 17 9.63 -9.98 12.96
N ILE C 18 9.51 -9.39 11.78
CA ILE C 18 8.27 -9.50 11.02
C ILE C 18 7.97 -10.95 10.66
N GLY C 19 9.02 -11.71 10.29
CA GLY C 19 8.81 -13.10 9.96
C GLY C 19 8.26 -13.90 11.13
N ASP C 20 8.85 -13.71 12.31
CA ASP C 20 8.35 -14.41 13.50
C ASP C 20 6.94 -13.96 13.86
N ASP C 21 6.71 -12.65 13.84
CA ASP C 21 5.39 -12.12 14.20
C ASP C 21 4.32 -12.68 13.28
N ILE C 22 4.57 -12.69 11.96
CA ILE C 22 3.66 -13.34 11.04
C ILE C 22 3.44 -14.79 11.43
N ASN C 23 4.53 -15.52 11.66
CA ASN C 23 4.43 -16.96 11.92
C ASN C 23 3.68 -17.23 13.21
N ARG C 24 4.01 -16.49 14.27
CA ARG C 24 3.37 -16.74 15.56
C ARG C 24 1.90 -16.34 15.54
N ARG C 25 1.53 -15.34 14.74
CA ARG C 25 0.16 -14.85 14.74
C ARG C 25 -0.79 -15.70 13.90
N TYR C 26 -0.30 -16.30 12.81
CA TYR C 26 -1.19 -16.92 11.84
C TYR C 26 -1.01 -18.41 11.65
N ASP C 27 0.11 -18.99 12.10
CA ASP C 27 0.32 -20.43 11.93
C ASP C 27 -0.78 -21.23 12.62
N SER C 28 -1.04 -20.92 13.90
CA SER C 28 -2.10 -21.62 14.62
C SER C 28 -3.46 -21.40 13.99
N GLU C 29 -3.66 -20.24 13.36
CA GLU C 29 -4.93 -19.97 12.70
C GLU C 29 -5.04 -20.72 11.38
N PHE C 30 -3.92 -20.89 10.67
CA PHE C 30 -3.93 -21.68 9.44
C PHE C 30 -4.23 -23.14 9.72
N GLN C 31 -3.69 -23.68 10.82
CA GLN C 31 -4.03 -25.04 11.21
C GLN C 31 -5.51 -25.15 11.57
N THR C 32 -6.06 -24.13 12.22
CA THR C 32 -7.47 -24.15 12.59
C THR C 32 -8.36 -24.28 11.36
N MET C 33 -8.08 -23.48 10.32
CA MET C 33 -8.87 -23.54 9.09
C MET C 33 -8.77 -24.92 8.45
N LEU C 34 -7.59 -25.52 8.50
CA LEU C 34 -7.38 -26.80 7.82
C LEU C 34 -8.15 -27.93 8.49
N GLN C 35 -8.29 -27.86 9.82
CA GLN C 35 -9.13 -28.83 10.51
C GLN C 35 -10.59 -28.72 10.06
N HIS C 36 -11.04 -27.49 9.79
CA HIS C 36 -12.41 -27.31 9.31
C HIS C 36 -12.58 -27.82 7.89
N LEU C 37 -11.59 -27.57 7.02
CA LEU C 37 -11.73 -27.96 5.62
C LEU C 37 -11.60 -29.46 5.44
N GLN C 38 -10.73 -30.09 6.22
CA GLN C 38 -10.39 -31.50 6.08
C GLN C 38 -10.02 -31.88 4.64
N PRO C 39 -8.96 -31.30 4.09
CA PRO C 39 -8.54 -31.68 2.74
C PRO C 39 -7.73 -32.96 2.74
N THR C 40 -7.59 -33.54 1.54
CA THR C 40 -6.82 -34.76 1.34
C THR C 40 -5.83 -34.53 0.21
N ALA C 41 -4.98 -35.53 -0.03
CA ALA C 41 -4.00 -35.43 -1.11
C ALA C 41 -4.65 -35.51 -2.49
N GLU C 42 -5.88 -36.03 -2.57
CA GLU C 42 -6.56 -36.13 -3.86
C GLU C 42 -7.06 -34.78 -4.35
N ASN C 43 -7.47 -33.89 -3.44
CA ASN C 43 -8.15 -32.66 -3.80
C ASN C 43 -7.49 -31.42 -3.21
N ALA C 44 -6.22 -31.52 -2.81
CA ALA C 44 -5.59 -30.43 -2.08
C ALA C 44 -5.44 -29.19 -2.95
N TYR C 45 -5.15 -29.36 -4.24
CA TYR C 45 -4.99 -28.20 -5.11
C TYR C 45 -6.32 -27.58 -5.50
N GLU C 46 -7.36 -28.39 -5.67
CA GLU C 46 -8.68 -27.85 -5.99
C GLU C 46 -9.19 -26.97 -4.86
N TYR C 47 -9.08 -27.45 -3.62
CA TYR C 47 -9.36 -26.60 -2.47
C TYR C 47 -8.51 -25.34 -2.50
N PHE C 48 -7.22 -25.49 -2.80
CA PHE C 48 -6.31 -24.34 -2.84
C PHE C 48 -6.70 -23.36 -3.94
N THR C 49 -7.02 -23.86 -5.13
CA THR C 49 -7.36 -22.96 -6.23
C THR C 49 -8.68 -22.25 -5.99
N LYS C 50 -9.65 -22.94 -5.37
CA LYS C 50 -10.94 -22.32 -5.06
C LYS C 50 -10.82 -21.30 -3.94
N ILE C 51 -9.94 -21.55 -2.96
CA ILE C 51 -9.72 -20.56 -1.90
C ILE C 51 -9.03 -19.33 -2.46
N ALA C 52 -8.05 -19.54 -3.35
CA ALA C 52 -7.35 -18.41 -3.95
C ALA C 52 -8.30 -17.54 -4.78
N THR C 53 -9.24 -18.18 -5.50
CA THR C 53 -10.21 -17.43 -6.28
C THR C 53 -11.12 -16.60 -5.37
N SER C 54 -11.53 -17.18 -4.23
CA SER C 54 -12.37 -16.45 -3.28
C SER C 54 -11.64 -15.28 -2.64
N LEU C 55 -10.30 -15.35 -2.59
CA LEU C 55 -9.51 -14.33 -1.92
C LEU C 55 -9.26 -13.13 -2.82
N PHE C 56 -8.86 -13.39 -4.08
CA PHE C 56 -8.50 -12.33 -5.01
C PHE C 56 -9.70 -11.60 -5.60
N GLU C 57 -10.93 -12.02 -5.28
CA GLU C 57 -12.09 -11.27 -5.74
C GLU C 57 -12.16 -9.89 -5.12
N SER C 58 -11.44 -9.67 -4.02
CA SER C 58 -11.42 -8.37 -3.36
C SER C 58 -10.07 -7.67 -3.49
N GLY C 59 -9.19 -8.15 -4.36
CA GLY C 59 -7.96 -7.45 -4.65
C GLY C 59 -6.72 -8.26 -4.34
N ILE C 60 -5.58 -7.68 -4.70
CA ILE C 60 -4.28 -8.33 -4.57
C ILE C 60 -3.29 -7.31 -4.05
N ASN C 61 -2.62 -7.63 -2.94
CA ASN C 61 -1.43 -6.95 -2.48
C ASN C 61 -0.45 -8.02 -2.01
N TRP C 62 0.79 -7.62 -1.69
CA TRP C 62 1.77 -8.63 -1.33
C TRP C 62 1.37 -9.36 -0.05
N GLY C 63 0.61 -8.70 0.83
CA GLY C 63 0.18 -9.35 2.06
C GLY C 63 -0.84 -10.46 1.85
N ARG C 64 -1.69 -10.32 0.82
CA ARG C 64 -2.60 -11.40 0.47
C ARG C 64 -1.87 -12.57 -0.19
N VAL C 65 -0.78 -12.29 -0.90
CA VAL C 65 -0.03 -13.35 -1.55
C VAL C 65 0.75 -14.17 -0.52
N VAL C 66 1.44 -13.47 0.40
CA VAL C 66 2.23 -14.19 1.40
C VAL C 66 1.33 -14.96 2.35
N ALA C 67 0.16 -14.42 2.66
CA ALA C 67 -0.80 -15.17 3.46
C ALA C 67 -1.30 -16.39 2.72
N LEU C 68 -1.42 -16.31 1.39
CA LEU C 68 -1.85 -17.46 0.61
C LEU C 68 -0.74 -18.48 0.43
N LEU C 69 0.50 -18.01 0.29
CA LEU C 69 1.64 -18.93 0.24
C LEU C 69 1.82 -19.62 1.58
N GLY C 70 1.77 -18.85 2.67
CA GLY C 70 1.86 -19.45 3.99
C GLY C 70 0.78 -20.48 4.26
N PHE C 71 -0.46 -20.16 3.90
CA PHE C 71 -1.55 -21.12 4.09
C PHE C 71 -1.38 -22.35 3.19
N GLY C 72 -0.95 -22.13 1.94
CA GLY C 72 -0.76 -23.25 1.05
C GLY C 72 0.32 -24.20 1.51
N TYR C 73 1.41 -23.66 2.05
CA TYR C 73 2.45 -24.48 2.66
C TYR C 73 1.86 -25.35 3.77
N ARG C 74 1.17 -24.70 4.72
CA ARG C 74 0.50 -25.43 5.80
C ARG C 74 -0.48 -26.45 5.23
N LEU C 75 -1.08 -26.17 4.08
CA LEU C 75 -1.95 -27.14 3.43
C LEU C 75 -1.15 -28.37 2.99
N ALA C 76 0.05 -28.15 2.45
CA ALA C 76 0.88 -29.26 2.00
C ALA C 76 1.28 -30.15 3.18
N LEU C 77 1.72 -29.53 4.28
CA LEU C 77 2.11 -30.29 5.47
C LEU C 77 0.94 -31.11 6.00
N HIS C 78 -0.22 -30.47 6.15
CA HIS C 78 -1.39 -31.14 6.69
C HIS C 78 -1.87 -32.27 5.78
N VAL C 79 -2.01 -31.97 4.48
CA VAL C 79 -2.45 -32.97 3.51
C VAL C 79 -1.48 -34.15 3.48
N TYR C 80 -0.17 -33.86 3.56
CA TYR C 80 0.84 -34.90 3.49
C TYR C 80 0.67 -35.92 4.63
N GLN C 81 0.36 -35.45 5.82
CA GLN C 81 0.19 -36.33 6.97
C GLN C 81 -1.15 -37.06 6.91
N SER D 6 -18.89 -23.37 -0.33
CA SER D 6 -19.12 -23.84 1.03
C SER D 6 -18.13 -23.19 2.00
N THR D 7 -17.34 -24.03 2.67
CA THR D 7 -16.29 -23.53 3.53
C THR D 7 -15.18 -22.83 2.76
N MET D 8 -15.18 -22.94 1.43
CA MET D 8 -14.17 -22.31 0.60
C MET D 8 -14.15 -20.80 0.78
N GLY D 9 -15.31 -20.16 0.58
CA GLY D 9 -15.35 -18.71 0.59
C GLY D 9 -15.00 -18.12 1.94
N GLN D 10 -15.37 -18.80 3.02
CA GLN D 10 -15.02 -18.34 4.36
C GLN D 10 -13.50 -18.27 4.51
N VAL D 11 -12.80 -19.34 4.15
CA VAL D 11 -11.35 -19.36 4.25
C VAL D 11 -10.74 -18.27 3.37
N GLY D 12 -11.24 -18.15 2.13
CA GLY D 12 -10.71 -17.13 1.24
C GLY D 12 -10.86 -15.73 1.79
N ARG D 13 -12.04 -15.42 2.33
CA ARG D 13 -12.26 -14.10 2.91
C ARG D 13 -11.43 -13.92 4.18
N GLN D 14 -11.34 -14.97 5.00
CA GLN D 14 -10.45 -14.95 6.16
C GLN D 14 -9.02 -14.62 5.73
N LEU D 15 -8.53 -15.31 4.70
CA LEU D 15 -7.19 -15.05 4.19
C LEU D 15 -7.06 -13.63 3.65
N ALA D 16 -8.13 -13.09 3.07
CA ALA D 16 -8.07 -11.72 2.57
C ALA D 16 -7.95 -10.72 3.72
N ILE D 17 -8.68 -10.96 4.81
CA ILE D 17 -8.57 -10.10 5.98
C ILE D 17 -7.17 -10.20 6.58
N ILE D 18 -6.67 -11.43 6.74
CA ILE D 18 -5.30 -11.63 7.22
C ILE D 18 -4.32 -10.91 6.31
N GLY D 19 -4.49 -11.08 5.00
CA GLY D 19 -3.60 -10.43 4.05
C GLY D 19 -3.62 -8.91 4.17
N ASP D 20 -4.81 -8.33 4.33
CA ASP D 20 -4.91 -6.89 4.57
C ASP D 20 -4.29 -6.51 5.90
N ASP D 21 -4.39 -7.39 6.90
CA ASP D 21 -3.75 -7.14 8.20
C ASP D 21 -2.24 -7.11 8.04
N ILE D 22 -1.68 -8.09 7.33
CA ILE D 22 -0.23 -8.14 7.09
C ILE D 22 0.20 -6.90 6.32
N ASN D 23 -0.52 -6.56 5.25
CA ASN D 23 -0.17 -5.42 4.43
C ASN D 23 -0.28 -4.11 5.21
N ARG D 24 -1.32 -3.98 6.04
CA ARG D 24 -1.45 -2.79 6.87
C ARG D 24 -0.29 -2.67 7.85
N ARG D 25 0.06 -3.79 8.51
CA ARG D 25 0.98 -3.74 9.63
C ARG D 25 2.42 -3.52 9.18
N TYR D 26 2.82 -4.06 8.03
CA TYR D 26 4.23 -4.14 7.69
C TYR D 26 4.66 -3.36 6.45
N ASP D 27 3.74 -2.88 5.61
CA ASP D 27 4.17 -2.26 4.36
C ASP D 27 4.91 -0.94 4.60
N SER D 28 4.52 -0.18 5.63
CA SER D 28 5.26 1.04 5.93
C SER D 28 6.70 0.74 6.30
N GLU D 29 6.92 -0.37 7.01
CA GLU D 29 8.28 -0.73 7.39
C GLU D 29 9.13 -1.08 6.17
N PHE D 30 8.56 -1.88 5.25
CA PHE D 30 9.23 -2.16 3.99
C PHE D 30 9.64 -0.88 3.29
N GLN D 31 8.73 0.10 3.22
CA GLN D 31 9.05 1.38 2.61
C GLN D 31 10.17 2.07 3.36
N THR D 32 10.17 2.00 4.69
CA THR D 32 11.27 2.56 5.47
C THR D 32 12.59 1.86 5.13
N MET D 33 12.55 0.54 4.95
CA MET D 33 13.78 -0.20 4.67
C MET D 33 14.34 0.18 3.30
N LEU D 34 13.47 0.37 2.31
CA LEU D 34 13.95 0.74 0.98
C LEU D 34 14.51 2.16 0.96
N GLN D 35 13.97 3.05 1.79
CA GLN D 35 14.49 4.42 1.85
C GLN D 35 15.91 4.46 2.40
N HIS D 36 16.25 3.52 3.29
CA HIS D 36 17.61 3.47 3.82
C HIS D 36 18.54 2.71 2.90
N LEU D 37 18.04 1.66 2.24
CA LEU D 37 18.89 0.87 1.36
C LEU D 37 19.25 1.63 0.09
N GLN D 38 18.31 2.43 -0.41
CA GLN D 38 18.40 3.09 -1.72
C GLN D 38 18.98 2.13 -2.75
N PRO D 39 18.29 1.04 -3.06
CA PRO D 39 18.85 0.05 -3.98
C PRO D 39 18.76 0.51 -5.42
N THR D 40 19.77 0.12 -6.19
CA THR D 40 19.81 0.34 -7.63
C THR D 40 19.96 -1.01 -8.32
N ALA D 41 19.86 -1.01 -9.65
CA ALA D 41 20.15 -2.22 -10.40
C ALA D 41 21.58 -2.71 -10.16
N GLU D 42 22.48 -1.81 -9.78
CA GLU D 42 23.89 -2.16 -9.62
C GLU D 42 24.12 -3.09 -8.43
N ASN D 43 23.34 -2.95 -7.36
CA ASN D 43 23.62 -3.67 -6.12
C ASN D 43 22.40 -4.37 -5.54
N ALA D 44 21.37 -4.61 -6.34
CA ALA D 44 20.14 -5.19 -5.80
C ALA D 44 20.33 -6.65 -5.42
N TYR D 45 21.10 -7.40 -6.22
CA TYR D 45 21.31 -8.81 -5.92
C TYR D 45 22.13 -8.99 -4.65
N GLU D 46 23.24 -8.26 -4.53
CA GLU D 46 24.10 -8.41 -3.35
C GLU D 46 23.39 -7.89 -2.09
N TYR D 47 22.62 -6.81 -2.22
CA TYR D 47 21.83 -6.36 -1.08
C TYR D 47 20.84 -7.45 -0.65
N PHE D 48 20.24 -8.14 -1.60
CA PHE D 48 19.21 -9.12 -1.26
C PHE D 48 19.80 -10.35 -0.57
N THR D 49 20.99 -10.79 -0.99
CA THR D 49 21.58 -11.96 -0.36
C THR D 49 22.09 -11.66 1.04
N LYS D 50 22.67 -10.47 1.25
CA LYS D 50 23.09 -10.08 2.59
C LYS D 50 21.88 -10.01 3.52
N ILE D 51 20.80 -9.38 3.07
CA ILE D 51 19.61 -9.24 3.89
C ILE D 51 19.06 -10.61 4.26
N ALA D 52 19.03 -11.52 3.28
CA ALA D 52 18.56 -12.88 3.56
C ALA D 52 19.49 -13.61 4.52
N THR D 53 20.80 -13.32 4.47
CA THR D 53 21.72 -13.97 5.39
C THR D 53 21.48 -13.53 6.82
N SER D 54 21.27 -12.23 7.04
CA SER D 54 21.01 -11.74 8.39
C SER D 54 19.65 -12.20 8.89
N LEU D 55 18.67 -12.30 8.01
CA LEU D 55 17.34 -12.78 8.42
C LEU D 55 17.41 -14.21 8.91
N PHE D 56 18.08 -15.08 8.16
CA PHE D 56 18.07 -16.51 8.48
C PHE D 56 19.06 -16.88 9.57
N GLU D 57 19.97 -15.96 9.97
CA GLU D 57 20.90 -16.25 11.05
C GLU D 57 20.22 -16.70 12.33
N SER D 58 18.95 -16.31 12.52
CA SER D 58 18.21 -16.63 13.72
C SER D 58 17.14 -17.70 13.49
N GLY D 59 17.13 -18.33 12.32
CA GLY D 59 16.22 -19.44 12.08
C GLY D 59 15.41 -19.26 10.81
N ILE D 60 14.70 -20.32 10.46
CA ILE D 60 13.87 -20.38 9.27
C ILE D 60 12.53 -20.98 9.64
N ASN D 61 11.46 -20.23 9.35
CA ASN D 61 10.09 -20.74 9.35
C ASN D 61 9.38 -20.11 8.16
N TRP D 62 8.16 -20.58 7.89
CA TRP D 62 7.47 -20.09 6.69
C TRP D 62 7.17 -18.60 6.79
N GLY D 63 7.01 -18.07 8.00
CA GLY D 63 6.77 -16.65 8.15
C GLY D 63 7.96 -15.80 7.75
N ARG D 64 9.16 -16.23 8.15
CA ARG D 64 10.37 -15.54 7.72
C ARG D 64 10.58 -15.65 6.20
N VAL D 65 10.16 -16.77 5.61
CA VAL D 65 10.33 -16.95 4.17
C VAL D 65 9.41 -16.01 3.40
N VAL D 66 8.11 -16.02 3.73
CA VAL D 66 7.18 -15.17 3.00
C VAL D 66 7.44 -13.70 3.29
N ALA D 67 7.98 -13.37 4.47
CA ALA D 67 8.34 -11.99 4.74
C ALA D 67 9.48 -11.54 3.85
N LEU D 68 10.39 -12.46 3.50
CA LEU D 68 11.47 -12.13 2.57
C LEU D 68 10.94 -12.05 1.13
N LEU D 69 10.04 -12.97 0.76
CA LEU D 69 9.39 -12.87 -0.54
C LEU D 69 8.69 -11.54 -0.71
N GLY D 70 7.87 -11.16 0.27
CA GLY D 70 7.18 -9.89 0.20
C GLY D 70 8.14 -8.71 0.05
N PHE D 71 9.21 -8.71 0.85
CA PHE D 71 10.19 -7.64 0.74
C PHE D 71 10.93 -7.68 -0.60
N GLY D 72 11.17 -8.88 -1.14
CA GLY D 72 11.80 -8.98 -2.45
C GLY D 72 10.96 -8.34 -3.55
N TYR D 73 9.63 -8.45 -3.41
CA TYR D 73 8.73 -7.82 -4.38
C TYR D 73 8.85 -6.30 -4.33
N ARG D 74 8.81 -5.74 -3.12
CA ARG D 74 8.98 -4.29 -2.99
C ARG D 74 10.36 -3.85 -3.42
N LEU D 75 11.37 -4.67 -3.16
CA LEU D 75 12.73 -4.37 -3.60
C LEU D 75 12.82 -4.33 -5.11
N ALA D 76 12.29 -5.37 -5.77
CA ALA D 76 12.37 -5.43 -7.23
C ALA D 76 11.51 -4.35 -7.88
N LEU D 77 10.31 -4.11 -7.33
CA LEU D 77 9.48 -3.02 -7.84
C LEU D 77 10.16 -1.68 -7.69
N HIS D 78 10.90 -1.49 -6.60
CA HIS D 78 11.60 -0.23 -6.37
C HIS D 78 12.81 -0.08 -7.29
N VAL D 79 13.42 -1.19 -7.69
CA VAL D 79 14.53 -1.11 -8.64
C VAL D 79 14.01 -0.87 -10.05
N TYR D 80 12.89 -1.50 -10.40
CA TYR D 80 12.28 -1.26 -11.70
C TYR D 80 11.89 0.21 -11.86
N GLN D 81 11.31 0.79 -10.82
CA GLN D 81 10.81 2.16 -10.91
C GLN D 81 11.87 3.20 -10.63
N HIS D 82 12.97 2.85 -9.95
CA HIS D 82 13.94 3.86 -9.56
C HIS D 82 15.39 3.42 -9.66
N GLY D 83 15.67 2.21 -10.15
CA GLY D 83 17.04 1.80 -10.38
C GLY D 83 17.39 1.84 -11.84
N LEU D 84 17.76 0.69 -12.40
CA LEU D 84 18.05 0.54 -13.83
C LEU D 84 19.11 1.53 -14.31
N THR E 7 -5.26 14.13 27.58
CA THR E 7 -4.39 15.17 27.05
C THR E 7 -4.84 15.57 25.63
N MET E 8 -5.25 14.58 24.85
CA MET E 8 -5.87 14.80 23.55
C MET E 8 -7.40 14.77 23.61
N GLY E 9 -7.99 14.22 24.68
CA GLY E 9 -9.42 14.30 24.84
C GLY E 9 -9.91 15.68 25.21
N GLN E 10 -9.06 16.48 25.88
CA GLN E 10 -9.42 17.86 26.18
C GLN E 10 -9.50 18.68 24.90
N VAL E 11 -8.48 18.58 24.06
CA VAL E 11 -8.45 19.32 22.81
C VAL E 11 -9.62 18.91 21.92
N GLY E 12 -9.96 17.61 21.93
CA GLY E 12 -11.12 17.16 21.18
C GLY E 12 -12.41 17.72 21.73
N ARG E 13 -12.52 17.83 23.05
CA ARG E 13 -13.74 18.37 23.65
C ARG E 13 -13.87 19.86 23.36
N GLN E 14 -12.77 20.60 23.43
CA GLN E 14 -12.84 22.05 23.22
C GLN E 14 -13.19 22.36 21.76
N LEU E 15 -12.70 21.56 20.81
CA LEU E 15 -13.09 21.73 19.42
C LEU E 15 -14.57 21.47 19.25
N ALA E 16 -15.13 20.53 20.02
CA ALA E 16 -16.56 20.27 19.95
C ALA E 16 -17.35 21.47 20.41
N ILE E 17 -16.88 22.16 21.45
CA ILE E 17 -17.56 23.36 21.93
C ILE E 17 -17.52 24.45 20.87
N ILE E 18 -16.35 24.67 20.28
CA ILE E 18 -16.20 25.71 19.26
C ILE E 18 -17.06 25.39 18.05
N GLY E 19 -17.00 24.13 17.59
CA GLY E 19 -17.78 23.70 16.43
C GLY E 19 -19.26 23.66 16.67
N ASP E 20 -19.71 23.64 17.93
CA ASP E 20 -21.13 23.78 18.22
C ASP E 20 -21.54 25.25 18.26
N ASP E 21 -20.65 26.13 18.71
CA ASP E 21 -20.93 27.56 18.66
C ASP E 21 -21.01 28.06 17.22
N ILE E 22 -20.08 27.60 16.37
CA ILE E 22 -20.14 27.95 14.96
C ILE E 22 -21.45 27.49 14.35
N ASN E 23 -21.82 26.24 14.61
CA ASN E 23 -23.08 25.69 14.09
C ASN E 23 -24.27 26.48 14.62
N ARG E 24 -24.30 26.77 15.92
CA ARG E 24 -25.43 27.50 16.48
C ARG E 24 -25.53 28.92 15.92
N ARG E 25 -24.38 29.59 15.76
CA ARG E 25 -24.42 31.02 15.46
C ARG E 25 -24.72 31.30 13.99
N TYR E 26 -24.32 30.43 13.07
CA TYR E 26 -24.35 30.77 11.65
C TYR E 26 -25.21 29.86 10.78
N ASP E 27 -25.70 28.72 11.29
CA ASP E 27 -26.48 27.83 10.43
C ASP E 27 -27.80 28.46 10.02
N SER E 28 -28.48 29.14 10.96
CA SER E 28 -29.72 29.83 10.60
C SER E 28 -29.45 30.98 9.65
N GLU E 29 -28.31 31.66 9.80
CA GLU E 29 -27.92 32.69 8.87
C GLU E 29 -27.76 32.13 7.46
N PHE E 30 -27.15 30.96 7.34
CA PHE E 30 -26.98 30.32 6.04
C PHE E 30 -28.33 29.98 5.42
N GLN E 31 -29.28 29.48 6.23
CA GLN E 31 -30.59 29.15 5.71
C GLN E 31 -31.31 30.38 5.18
N THR E 32 -31.13 31.52 5.84
CA THR E 32 -31.70 32.76 5.32
C THR E 32 -31.04 33.16 4.01
N MET E 33 -29.70 33.05 3.94
CA MET E 33 -29.00 33.35 2.69
C MET E 33 -29.49 32.45 1.56
N LEU E 34 -29.75 31.18 1.85
CA LEU E 34 -30.13 30.24 0.80
C LEU E 34 -31.57 30.46 0.34
N GLN E 35 -32.45 30.90 1.24
CA GLN E 35 -33.83 31.16 0.84
C GLN E 35 -33.93 32.39 -0.06
N HIS E 36 -33.06 33.37 0.14
CA HIS E 36 -33.09 34.56 -0.72
C HIS E 36 -32.35 34.31 -2.03
N LEU E 37 -31.24 33.55 -1.97
CA LEU E 37 -30.46 33.28 -3.16
C LEU E 37 -31.19 32.32 -4.11
N GLN E 38 -32.04 31.45 -3.57
CA GLN E 38 -32.83 30.48 -4.31
C GLN E 38 -32.01 29.74 -5.38
N PRO E 39 -30.97 29.00 -4.97
CA PRO E 39 -30.16 28.29 -5.97
C PRO E 39 -30.89 27.06 -6.45
N THR E 40 -30.59 26.65 -7.68
CA THR E 40 -31.16 25.45 -8.27
C THR E 40 -30.06 24.48 -8.66
N ALA E 41 -30.48 23.28 -9.05
CA ALA E 41 -29.52 22.26 -9.49
C ALA E 41 -28.78 22.70 -10.74
N GLU E 42 -29.40 23.55 -11.56
CA GLU E 42 -28.79 24.00 -12.80
C GLU E 42 -27.66 24.99 -12.57
N ASN E 43 -27.79 25.88 -11.58
CA ASN E 43 -26.84 26.97 -11.38
C ASN E 43 -26.09 26.92 -10.07
N ALA E 44 -26.24 25.86 -9.27
CA ALA E 44 -25.58 25.82 -7.97
C ALA E 44 -24.07 25.92 -8.09
N TYR E 45 -23.49 25.19 -9.03
CA TYR E 45 -22.04 25.20 -9.21
C TYR E 45 -21.54 26.61 -9.55
N GLU E 46 -22.16 27.25 -10.54
CA GLU E 46 -21.76 28.59 -10.92
C GLU E 46 -21.99 29.58 -9.80
N TYR E 47 -23.11 29.44 -9.08
CA TYR E 47 -23.36 30.28 -7.92
C TYR E 47 -22.23 30.16 -6.90
N PHE E 48 -21.80 28.92 -6.62
CA PHE E 48 -20.73 28.72 -5.64
C PHE E 48 -19.40 29.26 -6.16
N THR E 49 -19.14 29.13 -7.46
CA THR E 49 -17.89 29.63 -8.01
C THR E 49 -17.81 31.16 -7.90
N LYS E 50 -18.93 31.85 -8.18
CA LYS E 50 -18.92 33.30 -8.09
C LYS E 50 -18.89 33.77 -6.64
N ILE E 51 -19.62 33.10 -5.76
CA ILE E 51 -19.62 33.45 -4.34
C ILE E 51 -18.21 33.32 -3.76
N ALA E 52 -17.51 32.24 -4.11
CA ALA E 52 -16.14 32.05 -3.64
C ALA E 52 -15.22 33.15 -4.16
N THR E 53 -15.38 33.52 -5.43
CA THR E 53 -14.52 34.55 -6.00
C THR E 53 -14.80 35.91 -5.37
N SER E 54 -16.07 36.21 -5.10
CA SER E 54 -16.40 37.47 -4.44
C SER E 54 -15.81 37.53 -3.04
N LEU E 55 -15.79 36.39 -2.34
CA LEU E 55 -15.29 36.37 -0.97
C LEU E 55 -13.80 36.64 -0.91
N PHE E 56 -13.03 35.92 -1.72
CA PHE E 56 -11.58 35.94 -1.60
C PHE E 56 -10.93 37.16 -2.22
N GLU E 57 -11.66 37.94 -3.02
CA GLU E 57 -11.08 39.15 -3.59
C GLU E 57 -10.67 40.14 -2.50
N SER E 58 -11.30 40.05 -1.32
CA SER E 58 -11.04 40.96 -0.22
C SER E 58 -10.15 40.37 0.85
N GLY E 59 -9.67 39.15 0.68
CA GLY E 59 -8.76 38.55 1.65
C GLY E 59 -9.04 37.07 1.82
N ILE E 60 -8.03 36.36 2.32
CA ILE E 60 -8.12 34.93 2.61
C ILE E 60 -7.53 34.67 3.99
N ASN E 61 -8.34 34.15 4.90
CA ASN E 61 -7.86 33.54 6.14
C ASN E 61 -8.58 32.21 6.30
N TRP E 62 -8.15 31.41 7.29
CA TRP E 62 -8.75 30.09 7.44
C TRP E 62 -10.22 30.18 7.82
N GLY E 63 -10.62 31.20 8.57
CA GLY E 63 -12.04 31.35 8.89
C GLY E 63 -12.90 31.62 7.67
N ARG E 64 -12.34 32.37 6.71
CA ARG E 64 -13.06 32.59 5.45
C ARG E 64 -13.19 31.30 4.67
N VAL E 65 -12.16 30.45 4.70
CA VAL E 65 -12.18 29.23 3.91
C VAL E 65 -13.18 28.24 4.49
N VAL E 66 -13.14 28.02 5.81
CA VAL E 66 -14.04 27.02 6.38
C VAL E 66 -15.48 27.49 6.37
N ALA E 67 -15.70 28.81 6.43
CA ALA E 67 -17.05 29.33 6.29
C ALA E 67 -17.61 29.03 4.90
N LEU E 68 -16.76 29.15 3.87
CA LEU E 68 -17.18 28.78 2.52
C LEU E 68 -17.50 27.30 2.43
N LEU E 69 -16.64 26.46 3.01
CA LEU E 69 -16.88 25.02 3.00
C LEU E 69 -18.18 24.67 3.71
N GLY E 70 -18.44 25.31 4.84
CA GLY E 70 -19.71 25.08 5.53
C GLY E 70 -20.89 25.54 4.68
N PHE E 71 -20.77 26.71 4.04
CA PHE E 71 -21.85 27.21 3.22
C PHE E 71 -22.05 26.37 1.96
N GLY E 72 -20.95 25.91 1.37
CA GLY E 72 -21.06 25.06 0.19
C GLY E 72 -21.75 23.74 0.49
N TYR E 73 -21.52 23.20 1.68
CA TYR E 73 -22.23 21.98 2.09
C TYR E 73 -23.70 22.25 2.32
N ARG E 74 -24.02 23.35 3.01
CA ARG E 74 -25.41 23.73 3.22
C ARG E 74 -26.12 23.96 1.89
N LEU E 75 -25.44 24.63 0.95
CA LEU E 75 -26.03 24.92 -0.36
C LEU E 75 -26.46 23.64 -1.06
N ALA E 76 -25.55 22.65 -1.10
CA ALA E 76 -25.85 21.40 -1.80
C ALA E 76 -27.02 20.68 -1.16
N LEU E 77 -27.04 20.62 0.18
CA LEU E 77 -28.17 20.01 0.87
C LEU E 77 -29.46 20.76 0.59
N HIS E 78 -29.39 22.10 0.55
CA HIS E 78 -30.58 22.91 0.38
C HIS E 78 -31.19 22.72 -1.02
N VAL E 79 -30.36 22.70 -2.05
CA VAL E 79 -30.85 22.50 -3.41
C VAL E 79 -31.41 21.08 -3.56
N TYR E 80 -30.75 20.10 -2.93
CA TYR E 80 -31.21 18.73 -3.09
C TYR E 80 -32.57 18.51 -2.46
N GLN E 81 -32.80 19.10 -1.28
CA GLN E 81 -34.04 18.86 -0.55
C GLN E 81 -35.15 19.84 -0.92
N HIS E 82 -34.80 21.05 -1.35
CA HIS E 82 -35.79 22.03 -1.74
C HIS E 82 -35.59 22.45 -3.20
N SER F 6 -23.68 41.40 -7.79
CA SER F 6 -24.83 41.93 -7.06
C SER F 6 -25.29 40.94 -6.02
N THR F 7 -26.10 39.97 -6.46
CA THR F 7 -26.61 38.96 -5.53
C THR F 7 -25.48 38.04 -5.06
N MET F 8 -24.52 37.76 -5.95
CA MET F 8 -23.37 36.95 -5.59
C MET F 8 -22.37 37.70 -4.72
N GLY F 9 -22.37 39.03 -4.79
CA GLY F 9 -21.46 39.83 -3.99
C GLY F 9 -21.91 39.97 -2.56
N GLN F 10 -23.23 40.13 -2.36
CA GLN F 10 -23.75 40.27 -1.01
C GLN F 10 -23.56 39.00 -0.19
N VAL F 11 -23.75 37.83 -0.82
CA VAL F 11 -23.47 36.57 -0.14
C VAL F 11 -21.99 36.47 0.19
N GLY F 12 -21.14 36.95 -0.72
CA GLY F 12 -19.71 36.96 -0.45
C GLY F 12 -19.32 37.91 0.66
N ARG F 13 -20.03 39.03 0.80
CA ARG F 13 -19.77 39.93 1.92
C ARG F 13 -20.17 39.29 3.24
N GLN F 14 -21.32 38.62 3.27
CA GLN F 14 -21.77 38.00 4.52
C GLN F 14 -20.84 36.88 4.95
N LEU F 15 -20.41 36.05 4.01
CA LEU F 15 -19.49 34.96 4.34
C LEU F 15 -18.17 35.52 4.86
N ALA F 16 -17.72 36.64 4.28
CA ALA F 16 -16.51 37.29 4.78
C ALA F 16 -16.70 37.77 6.20
N ILE F 17 -17.86 38.35 6.51
CA ILE F 17 -18.17 38.75 7.88
C ILE F 17 -18.13 37.54 8.81
N ILE F 18 -18.82 36.46 8.41
CA ILE F 18 -18.86 35.25 9.22
C ILE F 18 -17.46 34.66 9.36
N GLY F 19 -16.73 34.55 8.25
CA GLY F 19 -15.41 33.96 8.30
C GLY F 19 -14.42 34.78 9.10
N ASP F 20 -14.54 36.12 9.02
CA ASP F 20 -13.68 36.96 9.84
C ASP F 20 -14.10 36.92 11.31
N ASP F 21 -15.39 36.70 11.57
CA ASP F 21 -15.85 36.55 12.95
C ASP F 21 -15.31 35.25 13.55
N ILE F 22 -15.53 34.13 12.86
CA ILE F 22 -14.95 32.85 13.26
C ILE F 22 -13.46 33.00 13.54
N ASN F 23 -12.75 33.72 12.65
CA ASN F 23 -11.31 33.85 12.78
C ASN F 23 -10.94 34.65 14.02
N ARG F 24 -11.68 35.71 14.30
CA ARG F 24 -11.35 36.54 15.46
C ARG F 24 -11.70 35.86 16.78
N ARG F 25 -12.64 34.92 16.77
CA ARG F 25 -13.07 34.30 18.03
C ARG F 25 -12.18 33.14 18.43
N TYR F 26 -11.71 32.35 17.46
CA TYR F 26 -11.15 31.04 17.75
C TYR F 26 -9.69 30.88 17.39
N ASP F 27 -9.10 31.82 16.64
CA ASP F 27 -7.69 31.66 16.25
C ASP F 27 -6.77 31.75 17.46
N SER F 28 -7.09 32.59 18.44
CA SER F 28 -6.29 32.66 19.66
C SER F 28 -6.42 31.38 20.47
N GLU F 29 -7.61 30.75 20.45
CA GLU F 29 -7.81 29.52 21.20
C GLU F 29 -7.07 28.35 20.56
N PHE F 30 -7.07 28.27 19.23
CA PHE F 30 -6.32 27.23 18.54
C PHE F 30 -4.84 27.31 18.86
N GLN F 31 -4.28 28.52 18.89
CA GLN F 31 -2.88 28.68 19.22
C GLN F 31 -2.61 28.20 20.65
N THR F 32 -3.53 28.48 21.58
CA THR F 32 -3.34 28.08 22.96
C THR F 32 -3.41 26.56 23.11
N MET F 33 -4.39 25.93 22.48
CA MET F 33 -4.50 24.48 22.50
C MET F 33 -3.25 23.83 21.95
N LEU F 34 -2.73 24.36 20.84
CA LEU F 34 -1.52 23.81 20.23
C LEU F 34 -0.30 24.03 21.10
N GLN F 35 -0.29 25.08 21.92
CA GLN F 35 0.82 25.27 22.85
C GLN F 35 0.83 24.18 23.92
N HIS F 36 -0.34 23.69 24.30
CA HIS F 36 -0.40 22.61 25.28
C HIS F 36 -0.02 21.27 24.66
N LEU F 37 -0.36 21.08 23.38
CA LEU F 37 -0.07 19.80 22.72
C LEU F 37 1.41 19.66 22.43
N GLN F 38 2.09 20.76 22.10
CA GLN F 38 3.47 20.75 21.64
C GLN F 38 3.69 19.74 20.52
N PRO F 39 2.95 19.83 19.42
CA PRO F 39 3.08 18.82 18.37
C PRO F 39 4.38 18.96 17.60
N THR F 40 4.86 17.82 17.08
CA THR F 40 6.03 17.77 16.23
C THR F 40 5.69 16.93 15.00
N ALA F 41 6.62 16.92 14.04
CA ALA F 41 6.35 16.27 12.76
C ALA F 41 6.13 14.76 12.94
N GLU F 42 6.90 14.13 13.83
CA GLU F 42 6.77 12.69 14.01
C GLU F 42 5.47 12.31 14.68
N ASN F 43 4.93 13.17 15.55
CA ASN F 43 3.72 12.85 16.28
C ASN F 43 2.55 13.74 15.91
N ALA F 44 2.64 14.49 14.81
CA ALA F 44 1.54 15.35 14.41
C ALA F 44 0.34 14.53 13.95
N TYR F 45 0.59 13.43 13.23
CA TYR F 45 -0.52 12.63 12.71
C TYR F 45 -1.25 11.91 13.83
N GLU F 46 -0.51 11.31 14.76
CA GLU F 46 -1.15 10.63 15.88
C GLU F 46 -1.99 11.59 16.70
N TYR F 47 -1.49 12.80 16.93
CA TYR F 47 -2.25 13.81 17.66
C TYR F 47 -3.56 14.13 16.94
N PHE F 48 -3.48 14.38 15.64
CA PHE F 48 -4.67 14.79 14.89
C PHE F 48 -5.73 13.70 14.90
N THR F 49 -5.32 12.45 14.69
CA THR F 49 -6.29 11.36 14.65
C THR F 49 -6.94 11.14 16.01
N LYS F 50 -6.21 11.35 17.10
CA LYS F 50 -6.80 11.21 18.42
C LYS F 50 -7.73 12.36 18.73
N ILE F 51 -7.35 13.58 18.33
CA ILE F 51 -8.20 14.75 18.57
C ILE F 51 -9.50 14.61 17.77
N ALA F 52 -9.39 14.17 16.52
CA ALA F 52 -10.57 14.00 15.68
C ALA F 52 -11.48 12.91 16.25
N THR F 53 -10.89 11.86 16.84
CA THR F 53 -11.69 10.81 17.44
C THR F 53 -12.42 11.32 18.68
N SER F 54 -11.78 12.21 19.45
CA SER F 54 -12.43 12.76 20.63
C SER F 54 -13.51 13.78 20.25
N LEU F 55 -13.40 14.39 19.07
CA LEU F 55 -14.34 15.41 18.66
C LEU F 55 -15.64 14.81 18.16
N PHE F 56 -15.55 13.77 17.33
CA PHE F 56 -16.71 13.26 16.61
C PHE F 56 -17.48 12.19 17.38
N GLU F 57 -16.92 11.64 18.45
CA GLU F 57 -17.63 10.61 19.20
C GLU F 57 -18.84 11.14 19.97
N SER F 58 -19.00 12.46 20.06
CA SER F 58 -20.15 13.06 20.74
C SER F 58 -21.08 13.77 19.76
N GLY F 59 -20.90 13.57 18.46
CA GLY F 59 -21.77 14.15 17.46
C GLY F 59 -20.97 14.72 16.30
N ILE F 60 -21.66 14.97 15.20
CA ILE F 60 -21.05 15.53 13.99
C ILE F 60 -22.03 16.50 13.35
N ASN F 61 -21.56 17.72 13.08
CA ASN F 61 -22.26 18.69 12.26
C ASN F 61 -21.24 19.41 11.39
N TRP F 62 -21.72 20.28 10.49
CA TRP F 62 -20.80 21.00 9.63
C TRP F 62 -19.88 21.91 10.44
N GLY F 63 -20.37 22.41 11.58
CA GLY F 63 -19.56 23.28 12.40
C GLY F 63 -18.39 22.57 13.07
N ARG F 64 -18.57 21.29 13.42
CA ARG F 64 -17.48 20.54 14.04
C ARG F 64 -16.42 20.15 13.02
N VAL F 65 -16.82 19.93 11.77
CA VAL F 65 -15.85 19.57 10.75
C VAL F 65 -15.00 20.77 10.36
N VAL F 66 -15.62 21.94 10.19
CA VAL F 66 -14.84 23.13 9.85
C VAL F 66 -14.01 23.58 11.04
N ALA F 67 -14.47 23.30 12.27
CA ALA F 67 -13.66 23.58 13.44
C ALA F 67 -12.39 22.75 13.43
N LEU F 68 -12.50 21.48 13.06
CA LEU F 68 -11.31 20.64 12.95
C LEU F 68 -10.44 21.05 11.78
N LEU F 69 -11.06 21.47 10.68
CA LEU F 69 -10.30 21.87 9.49
C LEU F 69 -9.41 23.07 9.76
N GLY F 70 -9.95 24.06 10.48
CA GLY F 70 -9.12 25.21 10.85
C GLY F 70 -8.06 24.83 11.87
N PHE F 71 -8.41 23.96 12.83
CA PHE F 71 -7.42 23.46 13.76
C PHE F 71 -6.35 22.64 13.05
N GLY F 72 -6.76 21.77 12.12
CA GLY F 72 -5.79 21.01 11.35
C GLY F 72 -4.86 21.91 10.55
N TYR F 73 -5.39 23.02 10.03
CA TYR F 73 -4.54 24.00 9.39
C TYR F 73 -3.60 24.64 10.40
N ARG F 74 -4.14 25.09 11.53
CA ARG F 74 -3.31 25.65 12.59
C ARG F 74 -2.32 24.63 13.13
N LEU F 75 -2.67 23.35 13.07
CA LEU F 75 -1.76 22.31 13.57
C LEU F 75 -0.53 22.19 12.66
N ALA F 76 -0.74 22.18 11.35
CA ALA F 76 0.38 22.03 10.42
C ALA F 76 1.27 23.27 10.39
N LEU F 77 0.69 24.46 10.56
CA LEU F 77 1.51 25.66 10.72
C LEU F 77 2.35 25.59 11.98
N HIS F 78 1.75 25.13 13.08
CA HIS F 78 2.47 24.99 14.34
C HIS F 78 3.69 24.09 14.18
N VAL F 79 3.49 22.90 13.62
CA VAL F 79 4.58 21.95 13.44
C VAL F 79 5.67 22.55 12.55
N TYR F 80 5.27 23.29 11.53
CA TYR F 80 6.25 23.89 10.64
C TYR F 80 7.00 25.04 11.28
N GLN F 81 6.46 25.63 12.35
CA GLN F 81 7.11 26.76 13.00
C GLN F 81 7.99 26.34 14.17
N HIS F 82 7.56 25.35 14.94
CA HIS F 82 8.34 24.91 16.10
C HIS F 82 8.03 23.45 16.43
N GLY F 83 8.04 22.60 15.41
CA GLY F 83 7.87 21.17 15.63
C GLY F 83 8.70 20.33 14.69
N LEU F 84 9.83 20.87 14.22
CA LEU F 84 10.73 20.17 13.31
C LEU F 84 11.98 19.70 14.05
N THR F 85 12.84 20.62 14.48
CA THR F 85 13.99 20.28 15.33
C THR F 85 14.68 21.52 15.84
N PRO G 2 -15.19 -7.17 8.06
CA PRO G 2 -14.66 -6.21 7.08
C PRO G 2 -14.99 -6.59 5.64
N LEU G 3 -14.09 -6.24 4.72
CA LEU G 3 -14.27 -6.52 3.30
C LEU G 3 -15.65 -6.08 2.82
N GLY G 4 -15.83 -4.77 2.66
CA GLY G 4 -17.10 -4.23 2.21
C GLY G 4 -17.56 -4.79 0.89
N SER G 5 -18.59 -5.64 0.93
CA SER G 5 -19.12 -6.27 -0.28
C SER G 5 -20.06 -5.33 -1.03
N SER G 6 -19.82 -4.02 -0.92
CA SER G 6 -20.67 -3.02 -1.55
C SER G 6 -19.83 -2.21 -2.54
N THR G 7 -20.50 -1.26 -3.21
CA THR G 7 -19.82 -0.45 -4.20
C THR G 7 -18.91 0.59 -3.55
N MET G 8 -19.27 1.08 -2.37
CA MET G 8 -18.36 1.97 -1.64
C MET G 8 -17.10 1.25 -1.22
N GLY G 9 -17.24 0.01 -0.76
CA GLY G 9 -16.07 -0.77 -0.40
C GLY G 9 -15.17 -1.05 -1.59
N GLN G 10 -15.77 -1.34 -2.75
CA GLN G 10 -14.99 -1.57 -3.96
C GLN G 10 -14.21 -0.33 -4.37
N VAL G 11 -14.78 0.87 -4.16
CA VAL G 11 -14.07 2.09 -4.54
C VAL G 11 -12.94 2.36 -3.56
N GLY G 12 -13.15 2.07 -2.27
CA GLY G 12 -12.07 2.19 -1.30
C GLY G 12 -10.91 1.26 -1.57
N ARG G 13 -11.19 0.05 -2.07
CA ARG G 13 -10.13 -0.86 -2.44
C ARG G 13 -9.50 -0.49 -3.77
N GLN G 14 -10.26 0.14 -4.67
CA GLN G 14 -9.66 0.69 -5.88
C GLN G 14 -8.72 1.85 -5.53
N LEU G 15 -9.14 2.74 -4.62
CA LEU G 15 -8.28 3.84 -4.19
C LEU G 15 -7.04 3.32 -3.48
N ALA G 16 -7.12 2.11 -2.89
CA ALA G 16 -5.96 1.55 -2.21
C ALA G 16 -4.87 1.18 -3.21
N ILE G 17 -5.28 0.71 -4.40
CA ILE G 17 -4.32 0.49 -5.47
C ILE G 17 -3.68 1.80 -5.89
N ILE G 18 -4.51 2.82 -6.13
CA ILE G 18 -4.03 4.12 -6.55
C ILE G 18 -3.10 4.72 -5.49
N GLY G 19 -3.50 4.61 -4.22
CA GLY G 19 -2.71 5.20 -3.15
C GLY G 19 -1.34 4.55 -2.99
N ASP G 20 -1.29 3.22 -3.11
CA ASP G 20 0.01 2.54 -3.03
C ASP G 20 0.85 2.82 -4.28
N ASP G 21 0.20 2.90 -5.44
CA ASP G 21 0.91 3.24 -6.67
C ASP G 21 1.44 4.67 -6.61
N ILE G 22 0.65 5.58 -6.06
CA ILE G 22 1.14 6.94 -5.81
C ILE G 22 2.33 6.90 -4.87
N ASN G 23 2.24 6.07 -3.82
CA ASN G 23 3.29 6.03 -2.82
C ASN G 23 4.57 5.44 -3.39
N ARG G 24 4.48 4.33 -4.13
CA ARG G 24 5.70 3.68 -4.60
C ARG G 24 6.34 4.44 -5.76
N ARG G 25 5.53 5.12 -6.58
CA ARG G 25 6.07 5.81 -7.75
C ARG G 25 6.85 7.06 -7.33
N TYR G 26 6.38 7.77 -6.31
CA TYR G 26 6.87 9.11 -6.06
C TYR G 26 7.58 9.30 -4.73
N ASP G 27 7.50 8.35 -3.79
CA ASP G 27 8.14 8.55 -2.49
C ASP G 27 9.65 8.63 -2.63
N SER G 28 10.24 7.76 -3.45
CA SER G 28 11.67 7.84 -3.73
C SER G 28 12.03 9.20 -4.30
N GLU G 29 11.18 9.75 -5.16
CA GLU G 29 11.47 11.03 -5.79
C GLU G 29 11.42 12.16 -4.77
N PHE G 30 10.44 12.12 -3.86
CA PHE G 30 10.40 13.09 -2.77
C PHE G 30 11.72 13.08 -2.00
N GLN G 31 12.23 11.88 -1.72
CA GLN G 31 13.45 11.75 -0.92
C GLN G 31 14.66 12.30 -1.66
N THR G 32 14.74 12.09 -2.98
CA THR G 32 15.82 12.67 -3.76
C THR G 32 15.76 14.18 -3.73
N MET G 33 14.57 14.75 -3.94
CA MET G 33 14.42 16.20 -3.96
C MET G 33 14.76 16.80 -2.60
N LEU G 34 14.37 16.13 -1.52
CA LEU G 34 14.66 16.66 -0.19
C LEU G 34 16.16 16.63 0.12
N GLN G 35 16.85 15.57 -0.31
CA GLN G 35 18.28 15.48 -0.04
C GLN G 35 19.08 16.47 -0.86
N HIS G 36 18.56 16.87 -2.03
CA HIS G 36 19.23 17.89 -2.82
C HIS G 36 18.85 19.29 -2.37
N LEU G 37 17.62 19.45 -1.85
CA LEU G 37 17.19 20.76 -1.38
C LEU G 37 17.87 21.14 -0.07
N GLN G 38 18.19 20.15 0.75
CA GLN G 38 18.74 20.35 2.09
C GLN G 38 17.92 21.37 2.90
N PRO G 39 16.68 21.06 3.23
CA PRO G 39 15.90 21.95 4.09
C PRO G 39 16.15 21.66 5.55
N THR G 40 16.09 22.71 6.35
CA THR G 40 16.31 22.64 7.79
C THR G 40 15.05 23.14 8.50
N ALA G 41 15.07 23.05 9.83
CA ALA G 41 13.94 23.53 10.61
C ALA G 41 13.78 25.04 10.50
N GLU G 42 14.88 25.76 10.26
CA GLU G 42 14.82 27.22 10.25
C GLU G 42 14.16 27.76 8.98
N ASN G 43 14.28 27.05 7.86
CA ASN G 43 13.78 27.58 6.58
C ASN G 43 12.75 26.66 5.92
N ALA G 44 12.24 25.66 6.61
CA ALA G 44 11.32 24.72 5.96
C ALA G 44 10.01 25.39 5.58
N TYR G 45 9.56 26.38 6.35
CA TYR G 45 8.31 27.06 6.02
C TYR G 45 8.48 27.96 4.80
N GLU G 46 9.61 28.69 4.72
CA GLU G 46 9.85 29.52 3.56
C GLU G 46 10.14 28.67 2.32
N TYR G 47 10.74 27.50 2.50
CA TYR G 47 10.96 26.60 1.38
C TYR G 47 9.63 26.11 0.81
N PHE G 48 8.70 25.73 1.68
CA PHE G 48 7.43 25.17 1.23
C PHE G 48 6.60 26.21 0.47
N THR G 49 6.49 27.41 1.03
CA THR G 49 5.64 28.43 0.41
C THR G 49 6.18 28.83 -0.96
N LYS G 50 7.51 28.92 -1.10
CA LYS G 50 8.07 29.34 -2.37
C LYS G 50 8.02 28.21 -3.41
N ILE G 51 8.15 26.96 -2.95
CA ILE G 51 7.95 25.83 -3.86
C ILE G 51 6.52 25.80 -4.36
N ALA G 52 5.55 26.06 -3.46
CA ALA G 52 4.15 26.09 -3.85
C ALA G 52 3.88 27.19 -4.85
N THR G 53 4.51 28.35 -4.67
CA THR G 53 4.36 29.44 -5.64
C THR G 53 4.93 29.02 -7.00
N SER G 54 6.11 28.40 -7.00
CA SER G 54 6.71 27.94 -8.25
C SER G 54 5.88 26.85 -8.90
N LEU G 55 5.24 26.00 -8.11
CA LEU G 55 4.43 24.92 -8.66
C LEU G 55 3.16 25.48 -9.32
N PHE G 56 2.45 26.36 -8.62
CA PHE G 56 1.16 26.84 -9.12
C PHE G 56 1.31 27.88 -10.21
N GLU G 57 2.53 28.38 -10.48
CA GLU G 57 2.74 29.32 -11.57
C GLU G 57 2.40 28.71 -12.92
N SER G 58 2.42 27.39 -13.03
CA SER G 58 2.11 26.70 -14.29
C SER G 58 0.74 26.01 -14.25
N GLY G 59 -0.11 26.36 -13.31
CA GLY G 59 -1.47 25.83 -13.25
C GLY G 59 -1.75 25.11 -11.95
N ILE G 60 -3.02 24.78 -11.77
CA ILE G 60 -3.48 24.06 -10.59
C ILE G 60 -4.50 23.01 -11.02
N ASN G 61 -4.22 21.76 -10.68
CA ASN G 61 -5.21 20.69 -10.73
C ASN G 61 -5.08 19.90 -9.44
N TRP G 62 -5.99 18.93 -9.25
CA TRP G 62 -6.00 18.21 -7.97
C TRP G 62 -4.77 17.32 -7.82
N GLY G 63 -4.18 16.86 -8.93
CA GLY G 63 -2.93 16.13 -8.84
C GLY G 63 -1.80 17.00 -8.33
N ARG G 64 -1.70 18.23 -8.83
CA ARG G 64 -0.69 19.16 -8.34
C ARG G 64 -0.88 19.46 -6.86
N VAL G 65 -2.14 19.60 -6.42
CA VAL G 65 -2.40 19.98 -5.03
C VAL G 65 -2.07 18.83 -4.10
N VAL G 66 -2.40 17.59 -4.47
CA VAL G 66 -2.10 16.48 -3.58
C VAL G 66 -0.62 16.15 -3.60
N ALA G 67 0.06 16.36 -4.74
CA ALA G 67 1.51 16.19 -4.76
C ALA G 67 2.19 17.16 -3.81
N LEU G 68 1.62 18.35 -3.64
CA LEU G 68 2.18 19.31 -2.69
C LEU G 68 1.91 18.92 -1.25
N LEU G 69 0.76 18.30 -0.98
CA LEU G 69 0.47 17.86 0.38
C LEU G 69 1.37 16.69 0.78
N GLY G 70 1.47 15.69 -0.10
CA GLY G 70 2.39 14.60 0.14
C GLY G 70 3.81 15.10 0.37
N PHE G 71 4.27 16.01 -0.49
CA PHE G 71 5.61 16.54 -0.35
C PHE G 71 5.73 17.38 0.92
N GLY G 72 4.66 18.10 1.28
CA GLY G 72 4.70 18.87 2.51
C GLY G 72 4.77 17.99 3.75
N TYR G 73 4.11 16.83 3.71
CA TYR G 73 4.16 15.91 4.83
C TYR G 73 5.53 15.26 4.97
N ARG G 74 6.13 14.84 3.85
CA ARG G 74 7.45 14.23 3.89
C ARG G 74 8.54 15.23 4.22
N LEU G 75 8.33 16.51 3.89
CA LEU G 75 9.30 17.54 4.21
C LEU G 75 9.45 17.69 5.72
N ALA G 76 8.33 17.73 6.45
CA ALA G 76 8.40 17.88 7.89
C ALA G 76 9.03 16.66 8.55
N LEU G 77 8.66 15.46 8.12
CA LEU G 77 9.27 14.25 8.63
C LEU G 77 10.77 14.24 8.35
N HIS G 78 11.16 14.60 7.13
CA HIS G 78 12.56 14.58 6.74
C HIS G 78 13.39 15.51 7.60
N VAL G 79 12.89 16.72 7.85
CA VAL G 79 13.61 17.67 8.68
C VAL G 79 13.63 17.23 10.13
N TYR G 80 12.52 16.69 10.63
CA TYR G 80 12.46 16.26 12.02
C TYR G 80 13.47 15.16 12.32
N GLN G 81 13.57 14.17 11.42
CA GLN G 81 14.43 13.03 11.66
C GLN G 81 15.91 13.35 11.45
N HIS G 82 16.23 14.44 10.78
CA HIS G 82 17.62 14.82 10.58
C HIS G 82 17.91 16.18 11.21
N SER H 6 17.72 21.26 -7.61
CA SER H 6 18.54 21.51 -6.43
C SER H 6 18.00 22.68 -5.59
N THR H 7 17.29 23.60 -6.23
CA THR H 7 16.82 24.81 -5.56
C THR H 7 15.32 24.95 -5.73
N MET H 8 14.82 26.18 -5.57
CA MET H 8 13.39 26.41 -5.41
C MET H 8 12.61 26.09 -6.68
N GLY H 9 12.93 26.78 -7.78
CA GLY H 9 12.19 26.62 -9.01
C GLY H 9 12.28 25.22 -9.59
N GLN H 10 13.42 24.56 -9.40
CA GLN H 10 13.58 23.20 -9.92
C GLN H 10 12.64 22.23 -9.22
N VAL H 11 12.60 22.28 -7.88
CA VAL H 11 11.71 21.39 -7.14
C VAL H 11 10.25 21.71 -7.44
N GLY H 12 9.94 23.00 -7.65
CA GLY H 12 8.56 23.36 -7.97
C GLY H 12 8.10 22.82 -9.30
N ARG H 13 8.98 22.85 -10.31
CA ARG H 13 8.61 22.27 -11.61
C ARG H 13 8.65 20.75 -11.58
N GLN H 14 9.48 20.16 -10.72
CA GLN H 14 9.49 18.70 -10.61
C GLN H 14 8.23 18.19 -9.91
N LEU H 15 7.75 18.93 -8.90
CA LEU H 15 6.45 18.59 -8.31
C LEU H 15 5.32 18.83 -9.29
N ALA H 16 5.44 19.86 -10.12
CA ALA H 16 4.42 20.12 -11.14
C ALA H 16 4.36 18.98 -12.15
N ILE H 17 5.51 18.38 -12.47
CA ILE H 17 5.51 17.20 -13.33
C ILE H 17 4.83 16.04 -12.62
N ILE H 18 5.11 15.86 -11.33
CA ILE H 18 4.50 14.77 -10.58
C ILE H 18 3.01 14.99 -10.46
N GLY H 19 2.60 16.21 -10.10
CA GLY H 19 1.18 16.51 -10.01
C GLY H 19 0.44 16.28 -11.31
N ASP H 20 1.04 16.71 -12.43
CA ASP H 20 0.45 16.43 -13.74
C ASP H 20 0.44 14.94 -14.05
N ASP H 21 1.39 14.19 -13.49
CA ASP H 21 1.43 12.75 -13.72
C ASP H 21 0.34 12.04 -12.93
N ILE H 22 0.16 12.42 -11.66
CA ILE H 22 -0.95 11.91 -10.87
C ILE H 22 -2.28 12.22 -11.55
N ASN H 23 -2.41 13.45 -12.05
CA ASN H 23 -3.64 13.86 -12.71
C ASN H 23 -3.90 13.01 -13.95
N ARG H 24 -2.89 12.86 -14.80
CA ARG H 24 -3.08 12.17 -16.07
C ARG H 24 -3.24 10.66 -15.90
N ARG H 25 -2.84 10.11 -14.76
CA ARG H 25 -2.96 8.67 -14.58
C ARG H 25 -4.29 8.27 -13.97
N TYR H 26 -4.83 9.07 -13.05
CA TYR H 26 -5.92 8.60 -12.21
C TYR H 26 -7.22 9.38 -12.39
N ASP H 27 -7.18 10.56 -13.02
CA ASP H 27 -8.40 11.34 -13.19
C ASP H 27 -9.48 10.51 -13.88
N SER H 28 -9.09 9.77 -14.91
CA SER H 28 -10.05 8.92 -15.62
C SER H 28 -10.66 7.89 -14.69
N GLU H 29 -9.83 7.27 -13.86
CA GLU H 29 -10.33 6.25 -12.92
C GLU H 29 -11.28 6.87 -11.91
N PHE H 30 -10.94 8.04 -11.38
CA PHE H 30 -11.84 8.75 -10.49
C PHE H 30 -13.22 8.95 -11.13
N GLN H 31 -13.24 9.38 -12.39
CA GLN H 31 -14.50 9.62 -13.09
C GLN H 31 -15.32 8.34 -13.20
N THR H 32 -14.68 7.21 -13.51
CA THR H 32 -15.40 5.95 -13.61
C THR H 32 -15.98 5.54 -12.26
N MET H 33 -15.22 5.75 -11.19
CA MET H 33 -15.70 5.39 -9.86
C MET H 33 -16.90 6.24 -9.47
N LEU H 34 -16.84 7.55 -9.77
CA LEU H 34 -17.98 8.42 -9.49
C LEU H 34 -19.20 8.02 -10.32
N GLN H 35 -18.99 7.52 -11.54
CA GLN H 35 -20.10 7.06 -12.36
C GLN H 35 -20.81 5.88 -11.71
N HIS H 36 -20.05 4.99 -11.07
CA HIS H 36 -20.66 3.81 -10.47
C HIS H 36 -21.26 4.11 -9.10
N LEU H 37 -20.66 5.05 -8.36
CA LEU H 37 -21.19 5.41 -7.04
C LEU H 37 -22.55 6.09 -7.14
N GLN H 38 -22.70 6.98 -8.12
CA GLN H 38 -23.86 7.86 -8.21
C GLN H 38 -24.10 8.59 -6.88
N PRO H 39 -23.13 9.35 -6.39
CA PRO H 39 -23.32 10.05 -5.12
C PRO H 39 -24.29 11.21 -5.27
N THR H 40 -25.01 11.50 -4.20
CA THR H 40 -25.89 12.65 -4.13
C THR H 40 -25.49 13.53 -2.95
N ALA H 41 -26.18 14.67 -2.84
CA ALA H 41 -25.97 15.52 -1.68
C ALA H 41 -26.38 14.80 -0.39
N GLU H 42 -27.27 13.82 -0.49
CA GLU H 42 -27.75 13.12 0.69
C GLU H 42 -26.69 12.18 1.24
N ASN H 43 -26.03 11.42 0.37
CA ASN H 43 -25.18 10.32 0.79
C ASN H 43 -23.69 10.58 0.62
N ALA H 44 -23.30 11.80 0.22
CA ALA H 44 -21.89 12.07 -0.06
C ALA H 44 -21.02 11.86 1.17
N TYR H 45 -21.53 12.19 2.36
CA TYR H 45 -20.76 11.98 3.58
C TYR H 45 -20.70 10.51 3.95
N GLU H 46 -21.84 9.82 3.92
CA GLU H 46 -21.85 8.39 4.20
C GLU H 46 -20.95 7.64 3.24
N TYR H 47 -21.00 7.98 1.95
CA TYR H 47 -20.16 7.30 0.97
C TYR H 47 -18.68 7.55 1.22
N PHE H 48 -18.32 8.81 1.51
CA PHE H 48 -16.91 9.13 1.70
C PHE H 48 -16.32 8.42 2.92
N THR H 49 -17.10 8.31 3.99
CA THR H 49 -16.62 7.64 5.20
C THR H 49 -16.51 6.14 4.98
N LYS H 50 -17.42 5.56 4.20
CA LYS H 50 -17.37 4.13 3.91
C LYS H 50 -16.28 3.80 2.89
N ILE H 51 -15.97 4.75 2.01
CA ILE H 51 -14.84 4.55 1.09
C ILE H 51 -13.53 4.61 1.85
N ALA H 52 -13.40 5.55 2.80
CA ALA H 52 -12.18 5.67 3.57
C ALA H 52 -11.95 4.46 4.47
N THR H 53 -13.02 3.89 5.02
CA THR H 53 -12.88 2.73 5.89
C THR H 53 -12.41 1.51 5.10
N SER H 54 -12.87 1.36 3.86
CA SER H 54 -12.37 0.29 3.00
C SER H 54 -10.93 0.55 2.57
N LEU H 55 -10.59 1.82 2.31
CA LEU H 55 -9.24 2.16 1.87
C LEU H 55 -8.20 1.81 2.93
N PHE H 56 -8.48 2.19 4.19
CA PHE H 56 -7.49 2.07 5.25
C PHE H 56 -7.43 0.68 5.86
N GLU H 57 -8.33 -0.24 5.48
CA GLU H 57 -8.27 -1.59 6.02
C GLU H 57 -6.97 -2.30 5.67
N SER H 58 -6.23 -1.81 4.67
CA SER H 58 -4.98 -2.43 4.24
C SER H 58 -3.80 -1.48 4.38
N GLY H 59 -3.94 -0.42 5.15
CA GLY H 59 -2.79 0.41 5.51
C GLY H 59 -3.05 1.89 5.27
N ILE H 60 -2.12 2.68 5.80
CA ILE H 60 -2.16 4.13 5.70
C ILE H 60 -0.75 4.62 5.39
N ASN H 61 -0.58 5.24 4.23
CA ASN H 61 0.62 6.01 3.91
C ASN H 61 0.19 7.28 3.20
N TRP H 62 1.14 8.20 3.00
CA TRP H 62 0.78 9.51 2.46
C TRP H 62 0.15 9.39 1.07
N GLY H 63 0.47 8.33 0.33
CA GLY H 63 -0.15 8.13 -0.98
C GLY H 63 -1.60 7.73 -0.88
N ARG H 64 -1.96 6.96 0.15
CA ARG H 64 -3.35 6.59 0.35
C ARG H 64 -4.16 7.74 0.94
N VAL H 65 -3.53 8.65 1.67
CA VAL H 65 -4.26 9.80 2.21
C VAL H 65 -4.54 10.83 1.11
N VAL H 66 -3.54 11.16 0.29
CA VAL H 66 -3.75 12.19 -0.72
C VAL H 66 -4.69 11.68 -1.82
N ALA H 67 -4.60 10.39 -2.15
CA ALA H 67 -5.53 9.81 -3.11
C ALA H 67 -6.97 9.96 -2.64
N LEU H 68 -7.20 9.83 -1.33
CA LEU H 68 -8.54 10.01 -0.80
C LEU H 68 -8.96 11.47 -0.82
N LEU H 69 -8.02 12.39 -0.64
CA LEU H 69 -8.33 13.81 -0.76
C LEU H 69 -8.63 14.17 -2.20
N GLY H 70 -7.79 13.70 -3.13
CA GLY H 70 -8.05 13.92 -4.55
C GLY H 70 -9.40 13.38 -4.97
N PHE H 71 -9.75 12.16 -4.50
CA PHE H 71 -11.06 11.63 -4.78
C PHE H 71 -12.15 12.40 -4.04
N GLY H 72 -11.82 12.98 -2.89
CA GLY H 72 -12.80 13.79 -2.18
C GLY H 72 -13.11 15.09 -2.92
N TYR H 73 -12.11 15.67 -3.57
CA TYR H 73 -12.37 16.86 -4.39
C TYR H 73 -13.25 16.52 -5.58
N ARG H 74 -12.88 15.47 -6.32
CA ARG H 74 -13.70 15.06 -7.46
C ARG H 74 -15.09 14.63 -7.02
N LEU H 75 -15.23 14.13 -5.79
CA LEU H 75 -16.54 13.72 -5.29
C LEU H 75 -17.43 14.94 -5.04
N ALA H 76 -16.90 15.95 -4.35
CA ALA H 76 -17.68 17.16 -4.08
C ALA H 76 -18.09 17.85 -5.38
N LEU H 77 -17.15 17.94 -6.33
CA LEU H 77 -17.44 18.56 -7.62
C LEU H 77 -18.54 17.80 -8.36
N HIS H 78 -18.48 16.46 -8.33
CA HIS H 78 -19.48 15.65 -9.00
C HIS H 78 -20.85 15.83 -8.38
N VAL H 79 -20.91 15.92 -7.04
CA VAL H 79 -22.18 16.14 -6.37
C VAL H 79 -22.76 17.49 -6.78
N TYR H 80 -21.91 18.50 -6.94
CA TYR H 80 -22.41 19.82 -7.29
C TYR H 80 -22.93 19.86 -8.72
N GLN H 81 -22.34 19.08 -9.61
CA GLN H 81 -22.71 19.12 -11.02
C GLN H 81 -23.72 18.06 -11.39
N HIS H 82 -23.77 16.94 -10.67
CA HIS H 82 -24.68 15.86 -11.03
C HIS H 82 -25.46 15.26 -9.88
N GLY H 83 -25.22 15.66 -8.63
CA GLY H 83 -25.87 14.99 -7.52
C GLY H 83 -26.73 15.87 -6.64
N LEU H 84 -27.36 16.88 -7.21
CA LEU H 84 -28.24 17.76 -6.46
C LEU H 84 -29.71 17.46 -6.74
N THR H 85 -30.02 16.33 -7.36
CA THR H 85 -31.39 15.90 -7.59
C THR H 85 -31.44 14.41 -7.89
#